data_8HWY
#
_entry.id   8HWY
#
_cell.length_a   60.336
_cell.length_b   71.762
_cell.length_c   65.108
_cell.angle_alpha   90.00
_cell.angle_beta   113.20
_cell.angle_gamma   90.00
#
_symmetry.space_group_name_H-M   'P 1 21 1'
#
loop_
_entity.id
_entity.type
_entity.pdbx_description
1 polymer 'ancestral imine reductase mutant N559_M6'
2 non-polymer 'NADP NICOTINAMIDE-ADENINE-DINUCLEOTIDE PHOSPHATE'
3 water water
#
_entity_poly.entity_id   1
_entity_poly.type   'polypeptide(L)'
_entity_poly.pdbx_seq_one_letter_code
;MGHHHHHHMSNNTPVTVIGLGPMGRAMAGAFLAAGHPTTVWNRTPGKADALVARGAVRAATVAEAVAASPLVVVSVTDYD
AMRAILEPAADALAGRVLVNLSSDTPERAREAAAWAAEHGADYLDGGVMVPPPMIGTPEALIFYSGPREVFEAHRATLAA
LGGSTYLGEDPGLAALYYVALLDLFWTTMSGYLHAAALVGSEGVPAAEFAPFATAIFDSLSFLEEMAEQIDAGEYPGDES
TLAMNAAGIDHIIHASRAQGIDTALPEAVKALAERAIAAGHGEDSFTSVIEVLRKPA
;
_entity_poly.pdbx_strand_id   A,B
#
loop_
_chem_comp.id
_chem_comp.type
_chem_comp.name
_chem_comp.formula
NAP non-polymer 'NADP NICOTINAMIDE-ADENINE-DINUCLEOTIDE PHOSPHATE' 'C21 H28 N7 O17 P3'
#
# COMPACT_ATOMS: atom_id res chain seq x y z
N ASN A 11 3.10 -31.05 -23.61
CA ASN A 11 4.02 -30.18 -24.35
C ASN A 11 5.49 -30.41 -23.93
N ASN A 12 6.31 -30.80 -24.91
CA ASN A 12 7.74 -31.02 -24.76
C ASN A 12 8.52 -30.12 -25.74
N THR A 13 7.99 -28.94 -26.02
CA THR A 13 8.80 -27.90 -26.66
C THR A 13 10.05 -27.60 -25.82
N PRO A 14 11.24 -27.67 -26.40
CA PRO A 14 12.42 -27.28 -25.61
C PRO A 14 12.38 -25.79 -25.35
N VAL A 15 12.90 -25.40 -24.19
CA VAL A 15 12.92 -24.02 -23.71
C VAL A 15 14.32 -23.70 -23.21
N THR A 16 14.77 -22.47 -23.44
CA THR A 16 16.01 -21.97 -22.86
C THR A 16 15.67 -20.85 -21.91
N VAL A 17 16.35 -20.80 -20.76
CA VAL A 17 16.17 -19.71 -19.79
C VAL A 17 17.56 -19.11 -19.58
N ILE A 18 17.71 -17.84 -19.94
CA ILE A 18 18.95 -17.12 -19.76
C ILE A 18 18.81 -16.20 -18.56
N GLY A 19 19.78 -16.24 -17.67
CA GLY A 19 19.71 -15.49 -16.43
C GLY A 19 19.09 -16.32 -15.32
N LEU A 20 19.86 -16.65 -14.30
CA LEU A 20 19.41 -17.51 -13.23
C LEU A 20 19.40 -16.80 -11.89
N GLY A 21 18.89 -15.57 -11.88
CA GLY A 21 18.51 -14.96 -10.64
C GLY A 21 17.37 -15.77 -10.07
N PRO A 22 16.82 -15.36 -8.92
CA PRO A 22 15.72 -16.15 -8.32
C PRO A 22 14.54 -16.34 -9.26
N MET A 23 14.21 -15.33 -10.09
CA MET A 23 13.12 -15.45 -11.04
C MET A 23 13.49 -16.40 -12.18
N GLY A 24 14.68 -16.26 -12.75
CA GLY A 24 15.04 -17.21 -13.78
C GLY A 24 15.05 -18.64 -13.28
N ARG A 25 15.55 -18.86 -12.06
CA ARG A 25 15.60 -20.23 -11.54
C ARG A 25 14.19 -20.79 -11.34
N ALA A 26 13.25 -19.97 -10.87
CA ALA A 26 11.91 -20.51 -10.65
C ALA A 26 11.25 -20.83 -11.98
N MET A 27 11.55 -20.03 -13.01
CA MET A 27 10.96 -20.27 -14.33
C MET A 27 11.53 -21.52 -14.96
N ALA A 28 12.84 -21.71 -14.88
CA ALA A 28 13.39 -22.94 -15.38
C ALA A 28 12.81 -24.13 -14.63
N GLY A 29 12.71 -24.02 -13.31
CA GLY A 29 12.12 -25.10 -12.54
C GLY A 29 10.70 -25.39 -12.99
N ALA A 30 9.91 -24.32 -13.27
CA ALA A 30 8.54 -24.55 -13.70
C ALA A 30 8.47 -25.21 -15.08
N PHE A 31 9.37 -24.81 -15.99
CA PHE A 31 9.39 -25.43 -17.32
C PHE A 31 9.71 -26.92 -17.20
N LEU A 32 10.73 -27.27 -16.41
CA LEU A 32 11.05 -28.68 -16.17
C LEU A 32 9.84 -29.40 -15.63
N ALA A 33 9.26 -28.87 -14.54
CA ALA A 33 8.14 -29.54 -13.88
C ALA A 33 7.01 -29.78 -14.85
N ALA A 34 6.86 -28.92 -15.85
CA ALA A 34 5.84 -29.16 -16.87
C ALA A 34 6.31 -30.11 -17.96
N GLY A 35 7.53 -30.64 -17.86
CA GLY A 35 8.06 -31.57 -18.85
C GLY A 35 8.77 -30.94 -20.03
N HIS A 36 9.16 -29.66 -19.94
CA HIS A 36 9.91 -29.23 -21.12
C HIS A 36 11.39 -29.54 -20.97
N PRO A 37 12.07 -30.03 -22.02
CA PRO A 37 13.54 -30.04 -21.99
C PRO A 37 14.06 -28.61 -21.84
N THR A 38 14.72 -28.32 -20.72
CA THR A 38 15.13 -26.97 -20.37
C THR A 38 16.66 -26.88 -20.40
N THR A 39 17.15 -25.89 -21.12
CA THR A 39 18.55 -25.52 -21.14
C THR A 39 18.68 -24.18 -20.44
N VAL A 40 19.65 -24.06 -19.56
CA VAL A 40 19.84 -22.85 -18.77
C VAL A 40 21.24 -22.29 -19.01
N TRP A 41 21.37 -20.98 -18.81
CA TRP A 41 22.67 -20.32 -18.87
C TRP A 41 22.65 -19.14 -17.93
N ASN A 42 23.75 -18.97 -17.19
CA ASN A 42 23.93 -17.78 -16.39
C ASN A 42 25.35 -17.26 -16.56
N ARG A 43 25.53 -15.93 -16.45
CA ARG A 43 26.89 -15.39 -16.48
C ARG A 43 27.72 -15.92 -15.32
N THR A 44 27.15 -15.94 -14.11
CA THR A 44 27.85 -16.46 -12.94
C THR A 44 27.63 -17.96 -12.83
N PRO A 45 28.66 -18.78 -12.91
CA PRO A 45 28.47 -20.22 -12.74
C PRO A 45 28.04 -20.56 -11.33
N GLY A 46 27.36 -21.70 -11.23
CA GLY A 46 27.13 -22.35 -9.97
C GLY A 46 25.76 -22.12 -9.39
N LYS A 47 24.85 -21.56 -10.17
CA LYS A 47 23.51 -21.30 -9.71
C LYS A 47 22.53 -22.29 -10.27
N ALA A 48 23.02 -23.26 -11.04
CA ALA A 48 22.17 -24.18 -11.78
C ALA A 48 22.06 -25.57 -11.16
N ASP A 49 22.69 -25.83 -9.99
CA ASP A 49 22.82 -27.21 -9.47
C ASP A 49 21.45 -27.88 -9.30
N ALA A 50 20.53 -27.23 -8.59
CA ALA A 50 19.22 -27.85 -8.38
C ALA A 50 18.52 -28.08 -9.72
N LEU A 51 18.63 -27.14 -10.65
CA LEU A 51 17.96 -27.30 -11.94
C LEU A 51 18.56 -28.46 -12.71
N VAL A 52 19.87 -28.60 -12.69
CA VAL A 52 20.50 -29.73 -13.36
C VAL A 52 20.07 -31.04 -12.73
N ALA A 53 20.06 -31.10 -11.39
CA ALA A 53 19.60 -32.28 -10.69
C ALA A 53 18.18 -32.67 -11.11
N ARG A 54 17.37 -31.70 -11.53
CA ARG A 54 16.03 -32.02 -11.99
C ARG A 54 15.94 -32.16 -13.50
N GLY A 55 17.09 -32.29 -14.17
CA GLY A 55 17.11 -32.59 -15.59
C GLY A 55 17.38 -31.43 -16.53
N ALA A 56 17.67 -30.23 -16.02
CA ALA A 56 18.04 -29.15 -16.91
C ALA A 56 19.42 -29.41 -17.46
N VAL A 57 19.68 -28.90 -18.66
CA VAL A 57 21.01 -28.95 -19.27
C VAL A 57 21.67 -27.60 -19.09
N ARG A 58 22.88 -27.60 -18.56
CA ARG A 58 23.64 -26.39 -18.29
C ARG A 58 24.45 -26.05 -19.54
N ALA A 59 23.94 -25.15 -20.38
CA ALA A 59 24.69 -24.72 -21.56
C ALA A 59 26.03 -24.09 -21.16
N ALA A 60 27.06 -24.34 -21.98
CA ALA A 60 28.39 -23.80 -21.66
C ALA A 60 28.54 -22.36 -22.16
N THR A 61 27.92 -22.01 -23.27
CA THR A 61 27.98 -20.66 -23.81
C THR A 61 26.57 -20.19 -24.12
N VAL A 62 26.44 -18.87 -24.27
CA VAL A 62 25.17 -18.30 -24.69
C VAL A 62 24.75 -18.89 -26.03
N ALA A 63 25.69 -19.00 -26.96
CA ALA A 63 25.36 -19.49 -28.29
C ALA A 63 24.76 -20.87 -28.21
N GLU A 64 25.38 -21.74 -27.43
CA GLU A 64 24.86 -23.08 -27.24
C GLU A 64 23.48 -23.03 -26.59
N ALA A 65 23.29 -22.08 -25.66
CA ALA A 65 21.98 -21.93 -25.03
C ALA A 65 20.94 -21.50 -26.05
N VAL A 66 21.24 -20.50 -26.86
CA VAL A 66 20.28 -20.06 -27.86
C VAL A 66 19.98 -21.16 -28.85
N ALA A 67 21.02 -21.91 -29.26
CA ALA A 67 20.81 -22.92 -30.29
C ALA A 67 19.92 -24.06 -29.82
N ALA A 68 19.79 -24.28 -28.50
CA ALA A 68 19.14 -25.48 -28.02
C ALA A 68 17.60 -25.48 -28.16
N SER A 69 16.95 -24.32 -28.34
CA SER A 69 15.50 -24.19 -28.19
C SER A 69 14.90 -23.17 -29.17
N PRO A 70 13.66 -23.39 -29.61
CA PRO A 70 12.96 -22.35 -30.38
C PRO A 70 12.45 -21.20 -29.53
N LEU A 71 12.37 -21.39 -28.22
CA LEU A 71 11.83 -20.39 -27.29
C LEU A 71 12.92 -20.03 -26.29
N VAL A 72 13.33 -18.76 -26.28
CA VAL A 72 14.40 -18.27 -25.43
C VAL A 72 13.83 -17.27 -24.41
N VAL A 73 13.82 -17.63 -23.15
CA VAL A 73 13.30 -16.77 -22.11
C VAL A 73 14.49 -16.09 -21.46
N VAL A 74 14.49 -14.75 -21.42
CA VAL A 74 15.58 -13.98 -20.84
C VAL A 74 15.07 -13.26 -19.58
N SER A 75 15.75 -13.47 -18.45
CA SER A 75 15.34 -12.87 -17.18
C SER A 75 16.60 -12.33 -16.51
N VAL A 76 17.03 -11.15 -16.94
CA VAL A 76 18.21 -10.51 -16.41
C VAL A 76 17.86 -9.08 -16.06
N THR A 77 18.84 -8.36 -15.51
CA THR A 77 18.58 -7.11 -14.79
C THR A 77 17.91 -6.06 -15.68
N ASP A 78 18.42 -5.86 -16.90
CA ASP A 78 17.88 -4.80 -17.75
C ASP A 78 18.28 -5.00 -19.22
N TYR A 79 17.87 -4.03 -20.04
CA TYR A 79 18.17 -4.08 -21.47
C TYR A 79 19.67 -4.20 -21.73
N ASP A 80 20.48 -3.43 -21.01
CA ASP A 80 21.93 -3.43 -21.25
C ASP A 80 22.52 -4.80 -20.96
N ALA A 81 22.09 -5.45 -19.89
CA ALA A 81 22.57 -6.81 -19.62
C ALA A 81 22.07 -7.78 -20.67
N MET A 82 20.84 -7.58 -21.14
CA MET A 82 20.28 -8.49 -22.12
C MET A 82 21.06 -8.41 -23.42
N ARG A 83 21.41 -7.21 -23.84
CA ARG A 83 22.15 -7.03 -25.08
C ARG A 83 23.58 -7.53 -24.97
N ALA A 84 24.27 -7.25 -23.86
CA ALA A 84 25.64 -7.77 -23.71
C ALA A 84 25.64 -9.29 -23.67
N ILE A 85 24.70 -9.89 -22.94
CA ILE A 85 24.58 -11.34 -22.94
C ILE A 85 24.43 -11.88 -24.36
N LEU A 86 23.51 -11.33 -25.14
CA LEU A 86 23.09 -11.99 -26.37
C LEU A 86 23.89 -11.56 -27.61
N GLU A 87 24.60 -10.44 -27.56
CA GLU A 87 25.30 -9.98 -28.75
C GLU A 87 26.10 -11.05 -29.45
N PRO A 88 26.97 -11.81 -28.77
CA PRO A 88 27.76 -12.84 -29.46
C PRO A 88 26.91 -13.87 -30.16
N ALA A 89 25.67 -14.08 -29.74
CA ALA A 89 24.82 -15.05 -30.40
C ALA A 89 23.64 -14.40 -31.11
N ALA A 90 23.71 -13.11 -31.39
CA ALA A 90 22.56 -12.43 -31.96
C ALA A 90 22.10 -13.10 -33.24
N ASP A 91 23.04 -13.52 -34.08
CA ASP A 91 22.66 -14.16 -35.33
C ASP A 91 21.98 -15.51 -35.13
N ALA A 92 22.30 -16.22 -34.05
CA ALA A 92 21.63 -17.48 -33.80
C ALA A 92 20.15 -17.32 -33.43
N LEU A 93 19.63 -16.10 -33.30
CA LEU A 93 18.25 -15.88 -32.90
C LEU A 93 17.28 -16.02 -34.06
N ALA A 94 17.77 -16.00 -35.30
CA ALA A 94 16.90 -16.09 -36.47
C ALA A 94 15.89 -17.24 -36.35
N GLY A 95 14.63 -16.92 -36.59
CA GLY A 95 13.58 -17.92 -36.54
C GLY A 95 13.10 -18.33 -35.17
N ARG A 96 13.74 -17.87 -34.08
CA ARG A 96 13.31 -18.22 -32.73
C ARG A 96 12.50 -17.10 -32.08
N VAL A 97 11.87 -17.42 -30.97
CA VAL A 97 11.08 -16.43 -30.27
C VAL A 97 11.80 -16.09 -28.98
N LEU A 98 12.08 -14.81 -28.81
CA LEU A 98 12.70 -14.27 -27.60
C LEU A 98 11.62 -13.74 -26.65
N VAL A 99 11.53 -14.31 -25.46
CA VAL A 99 10.53 -13.86 -24.48
C VAL A 99 11.29 -13.14 -23.40
N ASN A 100 11.13 -11.84 -23.35
CA ASN A 100 12.03 -11.03 -22.57
C ASN A 100 11.31 -10.50 -21.33
N LEU A 101 11.83 -10.83 -20.15
CA LEU A 101 11.34 -10.30 -18.90
C LEU A 101 12.30 -9.30 -18.28
N SER A 102 13.14 -8.67 -19.09
CA SER A 102 14.21 -7.82 -18.59
C SER A 102 14.11 -6.38 -19.10
N SER A 103 12.93 -5.93 -19.52
CA SER A 103 12.78 -4.58 -20.05
C SER A 103 12.56 -3.60 -18.92
N ASP A 104 13.48 -2.65 -18.76
CA ASP A 104 13.37 -1.71 -17.65
C ASP A 104 12.41 -0.57 -17.91
N THR A 105 12.12 -0.25 -19.17
CA THR A 105 11.15 0.78 -19.52
C THR A 105 10.37 0.35 -20.73
N PRO A 106 9.19 0.93 -20.96
CA PRO A 106 8.48 0.69 -22.24
C PRO A 106 9.31 1.05 -23.48
N GLU A 107 10.15 2.06 -23.41
CA GLU A 107 10.98 2.39 -24.56
C GLU A 107 12.03 1.31 -24.80
N ARG A 108 12.72 0.87 -23.75
CA ARG A 108 13.71 -0.20 -23.91
C ARG A 108 13.07 -1.48 -24.45
N ALA A 109 11.84 -1.79 -24.03
CA ALA A 109 11.13 -2.93 -24.60
C ALA A 109 10.95 -2.79 -26.11
N ARG A 110 10.66 -1.57 -26.59
CA ARG A 110 10.48 -1.43 -28.03
C ARG A 110 11.82 -1.46 -28.75
N GLU A 111 12.86 -0.90 -28.15
CA GLU A 111 14.20 -1.09 -28.70
C GLU A 111 14.51 -2.56 -28.79
N ALA A 112 14.15 -3.32 -27.75
CA ALA A 112 14.50 -4.74 -27.71
C ALA A 112 13.75 -5.47 -28.79
N ALA A 113 12.46 -5.15 -28.96
CA ALA A 113 11.68 -5.79 -30.01
C ALA A 113 12.27 -5.48 -31.39
N ALA A 114 12.67 -4.22 -31.61
CA ALA A 114 13.28 -3.87 -32.90
C ALA A 114 14.57 -4.63 -33.10
N TRP A 115 15.46 -4.59 -32.12
CA TRP A 115 16.72 -5.32 -32.24
C TRP A 115 16.48 -6.78 -32.55
N ALA A 116 15.58 -7.43 -31.81
CA ALA A 116 15.24 -8.81 -32.10
C ALA A 116 14.79 -8.97 -33.55
N ALA A 117 13.97 -8.04 -34.04
CA ALA A 117 13.46 -8.17 -35.40
C ALA A 117 14.59 -8.14 -36.40
N GLU A 118 15.61 -7.31 -36.17
CA GLU A 118 16.70 -7.21 -37.14
C GLU A 118 17.56 -8.47 -37.18
N HIS A 119 17.33 -9.41 -36.27
CA HIS A 119 18.08 -10.67 -36.27
C HIS A 119 17.17 -11.85 -36.56
N GLY A 120 15.96 -11.61 -37.10
CA GLY A 120 15.06 -12.68 -37.48
C GLY A 120 14.20 -13.24 -36.38
N ALA A 121 14.21 -12.66 -35.20
CA ALA A 121 13.51 -13.24 -34.09
C ALA A 121 12.19 -12.51 -33.82
N ASP A 122 11.14 -13.28 -33.54
CA ASP A 122 9.95 -12.73 -32.89
C ASP A 122 10.25 -12.40 -31.43
N TYR A 123 9.37 -11.62 -30.81
CA TYR A 123 9.73 -11.01 -29.53
C TYR A 123 8.47 -10.78 -28.73
N LEU A 124 8.39 -11.35 -27.53
CA LEU A 124 7.35 -11.01 -26.57
C LEU A 124 8.00 -10.34 -25.37
N ASP A 125 7.42 -9.25 -24.92
CA ASP A 125 7.83 -8.71 -23.63
C ASP A 125 6.98 -9.33 -22.56
N GLY A 126 7.60 -9.67 -21.44
CA GLY A 126 6.90 -10.35 -20.36
C GLY A 126 7.11 -9.65 -19.05
N GLY A 127 6.14 -9.81 -18.17
CA GLY A 127 6.24 -9.21 -16.88
C GLY A 127 5.44 -9.99 -15.89
N VAL A 128 5.99 -10.11 -14.69
CA VAL A 128 5.40 -10.84 -13.60
C VAL A 128 5.81 -10.15 -12.31
N MET A 129 4.85 -9.93 -11.42
CA MET A 129 5.12 -9.33 -10.13
C MET A 129 4.68 -10.27 -9.02
N VAL A 130 5.29 -11.45 -8.93
CA VAL A 130 4.94 -12.41 -7.87
C VAL A 130 6.23 -12.92 -7.27
N PRO A 131 6.18 -13.47 -6.07
CA PRO A 131 7.36 -14.08 -5.48
C PRO A 131 7.76 -15.30 -6.27
N PRO A 132 9.06 -15.53 -6.47
CA PRO A 132 9.53 -16.67 -7.29
C PRO A 132 8.83 -17.98 -6.95
N PRO A 133 8.66 -18.32 -5.67
CA PRO A 133 8.00 -19.61 -5.31
C PRO A 133 6.59 -19.77 -5.89
N MET A 134 5.85 -18.67 -6.10
CA MET A 134 4.54 -18.76 -6.72
C MET A 134 4.60 -19.07 -8.22
N ILE A 135 5.77 -18.93 -8.84
CA ILE A 135 5.93 -19.29 -10.24
C ILE A 135 5.63 -20.78 -10.42
N GLY A 136 4.97 -21.11 -11.53
CA GLY A 136 4.56 -22.49 -11.77
C GLY A 136 3.31 -22.92 -11.04
N THR A 137 2.57 -21.99 -10.46
CA THR A 137 1.28 -22.26 -9.87
C THR A 137 0.24 -21.38 -10.54
N PRO A 138 -1.02 -21.81 -10.56
CA PRO A 138 -2.08 -20.94 -11.10
C PRO A 138 -2.15 -19.59 -10.42
N GLU A 139 -1.52 -19.40 -9.26
CA GLU A 139 -1.57 -18.12 -8.56
C GLU A 139 -0.66 -17.06 -9.17
N ALA A 140 0.32 -17.45 -10.00
CA ALA A 140 1.23 -16.51 -10.64
C ALA A 140 0.57 -15.91 -11.88
N LEU A 141 0.50 -14.59 -11.93
CA LEU A 141 -0.13 -13.90 -13.05
C LEU A 141 0.98 -13.26 -13.87
N ILE A 142 1.28 -13.86 -15.01
CA ILE A 142 2.26 -13.31 -15.93
C ILE A 142 1.54 -12.63 -17.09
N PHE A 143 2.02 -11.47 -17.51
CA PHE A 143 1.39 -10.72 -18.59
C PHE A 143 2.39 -10.47 -19.71
N TYR A 144 1.89 -10.50 -20.94
CA TYR A 144 2.73 -10.40 -22.13
C TYR A 144 2.13 -9.39 -23.07
N SER A 145 3.00 -8.76 -23.84
CA SER A 145 2.59 -7.88 -24.92
C SER A 145 3.50 -8.14 -26.12
N GLY A 146 2.98 -7.89 -27.32
CA GLY A 146 3.75 -8.13 -28.52
C GLY A 146 2.80 -8.79 -29.49
N PRO A 147 3.31 -9.24 -30.66
CA PRO A 147 2.42 -9.82 -31.69
C PRO A 147 1.54 -10.91 -31.13
N ARG A 148 0.22 -10.73 -31.26
CA ARG A 148 -0.73 -11.72 -30.73
C ARG A 148 -0.45 -13.09 -31.31
N GLU A 149 -0.04 -13.15 -32.57
CA GLU A 149 0.17 -14.46 -33.17
C GLU A 149 1.35 -15.18 -32.52
N VAL A 150 2.33 -14.42 -32.04
CA VAL A 150 3.47 -15.02 -31.36
C VAL A 150 3.06 -15.51 -29.97
N PHE A 151 2.26 -14.72 -29.25
CA PHE A 151 1.77 -15.19 -27.97
C PHE A 151 0.90 -16.42 -28.12
N GLU A 152 -0.09 -16.38 -29.02
CA GLU A 152 -0.98 -17.54 -29.21
C GLU A 152 -0.17 -18.77 -29.56
N ALA A 153 0.91 -18.60 -30.32
CA ALA A 153 1.69 -19.76 -30.74
C ALA A 153 2.44 -20.42 -29.58
N HIS A 154 2.78 -19.66 -28.54
CA HIS A 154 3.56 -20.20 -27.44
C HIS A 154 2.83 -20.17 -26.11
N ARG A 155 1.59 -19.71 -26.10
CA ARG A 155 0.81 -19.62 -24.87
C ARG A 155 0.82 -20.94 -24.12
N ALA A 156 0.95 -22.06 -24.84
CA ALA A 156 0.82 -23.35 -24.16
C ALA A 156 2.10 -23.74 -23.45
N THR A 157 3.25 -23.31 -23.97
CA THR A 157 4.49 -23.49 -23.24
C THR A 157 4.57 -22.52 -22.07
N LEU A 158 4.21 -21.26 -22.33
CA LEU A 158 4.29 -20.22 -21.30
C LEU A 158 3.34 -20.50 -20.14
N ALA A 159 2.26 -21.27 -20.39
CA ALA A 159 1.36 -21.65 -19.31
C ALA A 159 2.07 -22.48 -18.25
N ALA A 160 3.23 -23.06 -18.57
CA ALA A 160 3.96 -23.75 -17.52
C ALA A 160 4.30 -22.81 -16.37
N LEU A 161 4.31 -21.51 -16.62
CA LEU A 161 4.76 -20.52 -15.64
C LEU A 161 3.63 -20.04 -14.75
N GLY A 162 2.41 -20.28 -15.14
CA GLY A 162 1.26 -19.85 -14.40
C GLY A 162 0.23 -19.28 -15.34
N GLY A 163 -0.66 -18.48 -14.78
CA GLY A 163 -1.61 -17.78 -15.61
C GLY A 163 -0.89 -16.81 -16.55
N SER A 164 -1.44 -16.66 -17.75
CA SER A 164 -0.88 -15.76 -18.77
C SER A 164 -1.97 -14.82 -19.28
N THR A 165 -1.63 -13.53 -19.44
CA THR A 165 -2.56 -12.51 -19.92
C THR A 165 -1.90 -11.81 -21.09
N TYR A 166 -2.61 -11.74 -22.21
CA TYR A 166 -2.12 -10.99 -23.34
C TYR A 166 -2.61 -9.56 -23.19
N LEU A 167 -1.72 -8.60 -23.39
CA LEU A 167 -2.07 -7.22 -23.07
C LEU A 167 -2.31 -6.40 -24.31
N GLY A 168 -1.82 -6.85 -25.46
CA GLY A 168 -1.89 -6.08 -26.69
C GLY A 168 -0.56 -6.11 -27.42
N GLU A 169 -0.47 -5.38 -28.53
CA GLU A 169 0.58 -5.59 -29.52
C GLU A 169 1.82 -4.76 -29.26
N ASP A 170 1.66 -3.62 -28.60
CA ASP A 170 2.82 -2.82 -28.26
C ASP A 170 3.73 -3.57 -27.29
N PRO A 171 4.97 -3.92 -27.68
CA PRO A 171 5.90 -4.57 -26.75
C PRO A 171 6.05 -3.84 -25.42
N GLY A 172 5.99 -2.51 -25.39
CA GLY A 172 6.24 -1.84 -24.12
C GLY A 172 5.13 -2.01 -23.10
N LEU A 173 3.99 -2.57 -23.51
CA LEU A 173 2.85 -2.66 -22.59
C LEU A 173 3.22 -3.44 -21.35
N ALA A 174 3.78 -4.65 -21.53
CA ALA A 174 4.14 -5.45 -20.37
C ALA A 174 5.10 -4.68 -19.49
N ALA A 175 6.05 -3.98 -20.12
CA ALA A 175 7.01 -3.22 -19.33
C ALA A 175 6.30 -2.11 -18.58
N LEU A 176 5.27 -1.51 -19.19
CA LEU A 176 4.54 -0.43 -18.56
C LEU A 176 3.81 -0.94 -17.33
N TYR A 177 3.11 -2.06 -17.46
CA TYR A 177 2.46 -2.69 -16.31
C TYR A 177 3.47 -3.00 -15.23
N TYR A 178 4.67 -3.48 -15.61
CA TYR A 178 5.63 -3.91 -14.59
C TYR A 178 6.13 -2.71 -13.79
N VAL A 179 6.48 -1.61 -14.46
CA VAL A 179 6.96 -0.45 -13.71
C VAL A 179 5.84 0.13 -12.86
N ALA A 180 4.59 0.08 -13.36
CA ALA A 180 3.47 0.55 -12.56
C ALA A 180 3.35 -0.27 -11.29
N LEU A 181 3.35 -1.59 -11.43
CA LEU A 181 3.28 -2.44 -10.25
C LEU A 181 4.48 -2.21 -9.35
N LEU A 182 5.67 -2.09 -9.95
CA LEU A 182 6.85 -1.70 -9.20
C LEU A 182 6.63 -0.35 -8.49
N ASP A 183 5.97 0.57 -9.16
CA ASP A 183 5.69 1.88 -8.54
C ASP A 183 4.83 1.65 -7.29
N LEU A 184 3.72 0.94 -7.43
CA LEU A 184 2.84 0.68 -6.29
C LEU A 184 3.57 -0.04 -5.17
N PHE A 185 4.45 -0.98 -5.51
CA PHE A 185 5.08 -1.80 -4.49
C PHE A 185 6.01 -0.97 -3.61
N TRP A 186 6.98 -0.28 -4.22
CA TRP A 186 7.98 0.45 -3.45
C TRP A 186 7.37 1.62 -2.70
N THR A 187 6.34 2.25 -3.26
CA THR A 187 5.65 3.29 -2.51
C THR A 187 4.95 2.68 -1.31
N THR A 188 4.27 1.57 -1.51
CA THR A 188 3.66 0.85 -0.40
C THR A 188 4.70 0.50 0.65
N MET A 189 5.78 -0.15 0.23
CA MET A 189 6.86 -0.49 1.19
C MET A 189 7.39 0.75 1.92
N SER A 190 7.53 1.88 1.21
CA SER A 190 8.02 3.05 1.91
C SER A 190 7.00 3.56 2.92
N GLY A 191 5.72 3.51 2.58
CA GLY A 191 4.72 3.89 3.55
C GLY A 191 4.80 3.02 4.79
N TYR A 192 5.01 1.72 4.59
CA TYR A 192 5.09 0.82 5.72
C TYR A 192 6.24 1.21 6.65
N LEU A 193 7.41 1.47 6.07
CA LEU A 193 8.59 1.72 6.89
C LEU A 193 8.47 3.05 7.60
N HIS A 194 7.86 4.04 6.95
CA HIS A 194 7.55 5.31 7.62
C HIS A 194 6.62 5.07 8.80
N ALA A 195 5.58 4.23 8.62
CA ALA A 195 4.66 3.92 9.70
C ALA A 195 5.37 3.19 10.82
N ALA A 196 6.29 2.28 10.48
CA ALA A 196 7.02 1.58 11.53
C ALA A 196 7.91 2.54 12.28
N ALA A 197 8.49 3.50 11.58
CA ALA A 197 9.36 4.42 12.30
C ALA A 197 8.53 5.32 13.20
N LEU A 198 7.35 5.72 12.73
CA LEU A 198 6.44 6.56 13.50
C LEU A 198 6.11 5.88 14.82
N VAL A 199 5.58 4.66 14.76
CA VAL A 199 5.21 4.00 15.98
C VAL A 199 6.45 3.56 16.75
N GLY A 200 7.53 3.27 16.04
CA GLY A 200 8.75 2.90 16.71
C GLY A 200 9.29 4.00 17.59
N SER A 201 9.00 5.25 17.26
CA SER A 201 9.53 6.35 18.04
C SER A 201 8.97 6.39 19.45
N GLU A 202 8.02 5.50 19.77
CA GLU A 202 7.49 5.33 21.10
C GLU A 202 7.83 3.98 21.70
N GLY A 203 8.79 3.25 21.11
CA GLY A 203 9.12 1.95 21.64
C GLY A 203 8.26 0.81 21.12
N VAL A 204 7.33 1.09 20.21
CA VAL A 204 6.47 0.04 19.69
C VAL A 204 7.29 -0.78 18.70
N PRO A 205 7.56 -2.05 19.01
CA PRO A 205 8.33 -2.86 18.07
C PRO A 205 7.55 -3.15 16.80
N ALA A 206 8.26 -3.14 15.67
CA ALA A 206 7.62 -3.42 14.38
C ALA A 206 6.82 -4.72 14.41
N ALA A 207 7.32 -5.76 15.11
CA ALA A 207 6.56 -7.01 15.25
C ALA A 207 5.16 -6.77 15.83
N GLU A 208 5.03 -5.90 16.84
CA GLU A 208 3.72 -5.59 17.38
C GLU A 208 2.87 -4.76 16.43
N PHE A 209 3.48 -3.92 15.59
CA PHE A 209 2.71 -3.07 14.70
C PHE A 209 2.29 -3.77 13.42
N ALA A 210 3.13 -4.68 12.92
CA ALA A 210 2.87 -5.35 11.64
C ALA A 210 1.45 -5.91 11.50
N PRO A 211 0.84 -6.55 12.53
CA PRO A 211 -0.52 -7.10 12.35
C PRO A 211 -1.57 -6.06 12.07
N PHE A 212 -1.49 -4.89 12.71
CA PHE A 212 -2.41 -3.81 12.35
C PHE A 212 -2.18 -3.38 10.91
N ALA A 213 -0.91 -3.33 10.48
CA ALA A 213 -0.60 -2.87 9.13
C ALA A 213 -1.20 -3.82 8.10
N THR A 214 -0.94 -5.12 8.28
CA THR A 214 -1.45 -6.08 7.32
C THR A 214 -2.95 -6.03 7.29
N ALA A 215 -3.58 -5.82 8.45
CA ALA A 215 -5.03 -5.77 8.50
C ALA A 215 -5.57 -4.67 7.61
N ILE A 216 -4.83 -3.56 7.48
CA ILE A 216 -5.25 -2.46 6.60
C ILE A 216 -5.53 -2.98 5.21
N PHE A 217 -4.83 -4.02 4.80
CA PHE A 217 -4.84 -4.49 3.42
C PHE A 217 -5.73 -5.71 3.21
N ASP A 218 -6.67 -5.97 4.11
CA ASP A 218 -7.44 -7.22 4.00
C ASP A 218 -8.72 -7.05 3.20
N SER A 219 -9.25 -5.84 3.11
CA SER A 219 -10.39 -5.61 2.25
C SER A 219 -9.98 -5.49 0.78
N LEU A 220 -8.94 -4.70 0.50
CA LEU A 220 -8.55 -4.42 -0.89
C LEU A 220 -9.72 -3.89 -1.70
N SER A 221 -10.80 -3.50 -1.03
CA SER A 221 -11.98 -2.98 -1.72
C SER A 221 -11.64 -1.69 -2.47
N PHE A 222 -10.79 -0.86 -1.87
CA PHE A 222 -10.43 0.40 -2.50
C PHE A 222 -10.00 0.23 -3.95
N LEU A 223 -9.41 -0.92 -4.30
CA LEU A 223 -8.87 -1.11 -5.65
C LEU A 223 -9.95 -1.04 -6.70
N GLU A 224 -11.00 -1.84 -6.58
CA GLU A 224 -12.07 -1.78 -7.56
C GLU A 224 -12.81 -0.43 -7.51
N GLU A 225 -13.04 0.10 -6.30
CA GLU A 225 -13.81 1.34 -6.18
C GLU A 225 -13.04 2.50 -6.78
N MET A 226 -11.75 2.60 -6.50
CA MET A 226 -10.96 3.64 -7.14
C MET A 226 -10.90 3.42 -8.65
N ALA A 227 -10.72 2.16 -9.07
CA ALA A 227 -10.68 1.86 -10.49
C ALA A 227 -11.94 2.38 -11.18
N GLU A 228 -13.11 1.97 -10.68
CA GLU A 228 -14.38 2.40 -11.27
C GLU A 228 -14.47 3.91 -11.30
N GLN A 229 -13.96 4.57 -10.26
CA GLN A 229 -14.00 6.01 -10.27
C GLN A 229 -13.08 6.58 -11.36
N ILE A 230 -11.89 6.02 -11.50
CA ILE A 230 -10.97 6.58 -12.47
C ILE A 230 -11.54 6.43 -13.87
N ASP A 231 -12.11 5.26 -14.16
CA ASP A 231 -12.56 4.98 -15.52
C ASP A 231 -13.77 5.84 -15.88
N ALA A 232 -14.70 5.99 -14.94
CA ALA A 232 -15.83 6.85 -15.17
C ALA A 232 -15.47 8.32 -15.17
N GLY A 233 -14.29 8.70 -14.66
CA GLY A 233 -13.95 10.12 -14.60
C GLY A 233 -14.76 10.90 -13.60
N GLU A 234 -15.27 10.23 -12.56
CA GLU A 234 -16.15 10.85 -11.57
C GLU A 234 -15.77 10.36 -10.19
N TYR A 235 -15.46 11.29 -9.30
CA TYR A 235 -14.89 10.99 -7.99
C TYR A 235 -15.80 11.49 -6.86
N PRO A 236 -16.95 10.86 -6.67
CA PRO A 236 -17.93 11.37 -5.69
C PRO A 236 -17.35 11.43 -4.28
N GLY A 237 -17.27 12.65 -3.76
CA GLY A 237 -16.66 12.86 -2.45
C GLY A 237 -17.47 12.25 -1.31
N ASP A 238 -18.78 12.49 -1.32
CA ASP A 238 -19.68 11.93 -0.30
C ASP A 238 -19.27 12.49 1.05
N GLU A 239 -18.99 11.65 2.06
CA GLU A 239 -18.69 12.11 3.41
C GLU A 239 -17.23 11.87 3.82
N SER A 240 -16.36 11.45 2.90
CA SER A 240 -14.92 11.43 3.14
C SER A 240 -14.29 12.07 1.90
N THR A 241 -14.25 13.39 1.93
CA THR A 241 -13.82 14.19 0.80
C THR A 241 -12.29 14.30 0.78
N LEU A 242 -11.79 14.93 -0.29
CA LEU A 242 -10.36 15.13 -0.44
C LEU A 242 -9.84 16.15 0.57
N ALA A 243 -10.61 17.21 0.83
CA ALA A 243 -10.19 18.19 1.83
C ALA A 243 -10.11 17.57 3.22
N MET A 244 -11.09 16.72 3.56
CA MET A 244 -10.95 15.91 4.76
C MET A 244 -9.66 15.10 4.73
N ASN A 245 -9.41 14.37 3.63
CA ASN A 245 -8.23 13.51 3.58
C ASN A 245 -6.96 14.33 3.71
N ALA A 246 -6.95 15.54 3.17
CA ALA A 246 -5.76 16.39 3.27
C ALA A 246 -5.44 16.69 4.73
N ALA A 247 -6.48 16.94 5.55
CA ALA A 247 -6.27 17.18 6.97
C ALA A 247 -5.65 15.98 7.64
N GLY A 248 -6.13 14.77 7.32
CA GLY A 248 -5.47 13.59 7.82
C GLY A 248 -3.98 13.56 7.51
N ILE A 249 -3.61 13.96 6.29
CA ILE A 249 -2.22 13.89 5.90
C ILE A 249 -1.44 14.99 6.59
N ASP A 250 -2.08 16.13 6.82
CA ASP A 250 -1.48 17.14 7.69
C ASP A 250 -1.12 16.54 9.04
N HIS A 251 -2.05 15.80 9.64
CA HIS A 251 -1.80 15.20 10.95
C HIS A 251 -0.62 14.26 10.90
N ILE A 252 -0.48 13.50 9.81
CA ILE A 252 0.69 12.64 9.67
C ILE A 252 1.97 13.46 9.75
N ILE A 253 2.01 14.58 9.01
CA ILE A 253 3.21 15.40 8.98
C ILE A 253 3.51 15.95 10.37
N HIS A 254 2.51 16.58 10.98
CA HIS A 254 2.67 17.11 12.33
C HIS A 254 3.16 16.06 13.27
N ALA A 255 2.48 14.90 13.30
CA ALA A 255 2.90 13.84 14.20
C ALA A 255 4.34 13.45 13.92
N SER A 256 4.71 13.35 12.64
CA SER A 256 6.06 12.92 12.28
C SER A 256 7.09 13.88 12.80
N ARG A 257 6.86 15.19 12.59
CA ARG A 257 7.77 16.22 13.09
C ARG A 257 7.92 16.10 14.58
N ALA A 258 6.79 15.95 15.27
CA ALA A 258 6.83 16.00 16.72
C ALA A 258 7.42 14.73 17.33
N GLN A 259 7.50 13.64 16.58
CA GLN A 259 8.11 12.40 17.05
C GLN A 259 9.56 12.23 16.59
N GLY A 260 10.12 13.19 15.85
CA GLY A 260 11.48 13.07 15.38
C GLY A 260 11.64 12.39 14.03
N ILE A 261 10.58 11.82 13.48
CA ILE A 261 10.66 11.03 12.26
C ILE A 261 10.82 11.95 11.07
N ASP A 262 11.53 11.47 10.05
CA ASP A 262 11.60 12.23 8.81
C ASP A 262 10.21 12.39 8.20
N THR A 263 10.02 13.48 7.47
CA THR A 263 8.70 13.82 6.96
C THR A 263 8.66 13.99 5.45
N ALA A 264 9.79 13.80 4.75
CA ALA A 264 9.80 13.98 3.30
C ALA A 264 8.68 13.22 2.58
N LEU A 265 8.44 11.97 2.97
CA LEU A 265 7.48 11.15 2.24
C LEU A 265 6.03 11.63 2.42
N PRO A 266 5.50 11.76 3.64
CA PRO A 266 4.15 12.30 3.78
C PRO A 266 4.01 13.72 3.23
N GLU A 267 5.09 14.51 3.24
CA GLU A 267 5.02 15.83 2.61
C GLU A 267 4.76 15.71 1.11
N ALA A 268 5.45 14.78 0.45
CA ALA A 268 5.18 14.53 -0.97
C ALA A 268 3.72 14.15 -1.19
N VAL A 269 3.17 13.29 -0.34
CA VAL A 269 1.76 12.94 -0.49
C VAL A 269 0.91 14.18 -0.30
N LYS A 270 1.21 14.95 0.76
CA LYS A 270 0.53 16.22 0.99
C LYS A 270 0.51 17.07 -0.27
N ALA A 271 1.69 17.34 -0.84
CA ALA A 271 1.77 18.20 -2.03
C ALA A 271 0.81 17.74 -3.12
N LEU A 272 0.69 16.43 -3.32
CA LEU A 272 -0.20 15.91 -4.35
C LEU A 272 -1.65 16.26 -4.04
N ALA A 273 -2.06 16.02 -2.79
CA ALA A 273 -3.42 16.34 -2.37
C ALA A 273 -3.69 17.85 -2.52
N GLU A 274 -2.75 18.67 -2.05
CA GLU A 274 -2.92 20.12 -2.18
C GLU A 274 -3.11 20.52 -3.63
N ARG A 275 -2.29 19.97 -4.53
CA ARG A 275 -2.45 20.28 -5.95
C ARG A 275 -3.85 19.93 -6.42
N ALA A 276 -4.42 18.85 -5.90
CA ALA A 276 -5.75 18.47 -6.35
C ALA A 276 -6.82 19.37 -5.75
N ILE A 277 -6.57 19.90 -4.54
CA ILE A 277 -7.53 20.81 -3.92
C ILE A 277 -7.45 22.18 -4.58
N ALA A 278 -6.26 22.60 -4.95
CA ALA A 278 -6.09 23.87 -5.62
C ALA A 278 -6.72 23.85 -7.01
N ALA A 279 -7.22 22.70 -7.42
CA ALA A 279 -7.86 22.60 -8.73
C ALA A 279 -9.33 22.28 -8.62
N GLY A 280 -9.90 22.39 -7.42
CA GLY A 280 -11.33 22.30 -7.26
C GLY A 280 -11.85 20.92 -6.92
N HIS A 281 -10.97 19.96 -6.65
CA HIS A 281 -11.44 18.64 -6.26
C HIS A 281 -11.55 18.48 -4.75
N GLY A 282 -11.32 19.54 -3.98
CA GLY A 282 -11.39 19.51 -2.53
C GLY A 282 -12.66 18.88 -2.02
N GLU A 283 -13.71 18.89 -2.84
CA GLU A 283 -14.97 18.28 -2.48
C GLU A 283 -15.16 16.89 -3.08
N ASP A 284 -14.21 16.40 -3.87
CA ASP A 284 -14.29 15.07 -4.46
C ASP A 284 -13.57 14.04 -3.57
N SER A 285 -13.65 12.76 -3.95
CA SER A 285 -12.91 11.73 -3.24
C SER A 285 -11.39 11.82 -3.54
N PHE A 286 -10.61 11.08 -2.75
CA PHE A 286 -9.17 11.07 -2.98
C PHE A 286 -8.83 10.66 -4.40
N THR A 287 -9.54 9.66 -4.94
CA THR A 287 -9.29 9.20 -6.31
C THR A 287 -9.06 10.32 -7.30
N SER A 288 -9.76 11.45 -7.12
CA SER A 288 -9.61 12.59 -8.03
C SER A 288 -8.19 13.14 -8.06
N VAL A 289 -7.32 12.70 -7.16
CA VAL A 289 -5.92 13.13 -7.25
C VAL A 289 -5.25 12.62 -8.53
N ILE A 290 -5.79 11.59 -9.18
CA ILE A 290 -5.21 11.13 -10.44
C ILE A 290 -5.15 12.27 -11.45
N GLU A 291 -6.04 13.25 -11.34
CA GLU A 291 -6.06 14.36 -12.29
C GLU A 291 -4.73 15.10 -12.31
N VAL A 292 -4.26 15.51 -11.13
CA VAL A 292 -3.01 16.23 -11.10
C VAL A 292 -1.84 15.31 -11.36
N LEU A 293 -2.02 13.99 -11.21
CA LEU A 293 -0.92 13.08 -11.50
C LEU A 293 -0.68 12.95 -13.00
N ARG A 294 -1.73 13.10 -13.80
CA ARG A 294 -1.62 13.12 -15.26
C ARG A 294 -0.95 14.39 -15.79
N LYS A 295 -0.58 15.34 -14.94
CA LYS A 295 -0.09 16.65 -15.36
C LYS A 295 1.19 16.96 -14.61
N PRO A 296 2.35 16.73 -15.21
CA PRO A 296 3.59 17.06 -14.51
C PRO A 296 3.52 18.49 -13.99
N ALA A 297 4.09 18.70 -12.81
CA ALA A 297 3.94 19.99 -12.12
C ALA A 297 5.21 20.83 -12.24
N MET B 9 -26.41 -6.53 29.78
CA MET B 9 -25.79 -6.03 28.55
C MET B 9 -26.33 -4.66 28.13
N SER B 10 -25.96 -3.61 28.88
CA SER B 10 -26.34 -2.19 28.61
C SER B 10 -27.17 -1.65 29.77
N ASN B 11 -28.21 -0.88 29.48
CA ASN B 11 -29.10 -0.29 30.48
C ASN B 11 -29.21 -1.08 31.79
N THR B 13 -26.48 1.12 30.62
CA THR B 13 -25.53 2.22 30.77
C THR B 13 -25.81 3.26 29.69
N PRO B 14 -26.26 4.44 30.12
CA PRO B 14 -26.49 5.52 29.16
C PRO B 14 -25.19 5.98 28.52
N VAL B 15 -25.23 6.20 27.22
CA VAL B 15 -24.07 6.61 26.45
C VAL B 15 -24.43 7.86 25.66
N THR B 16 -23.53 8.83 25.63
CA THR B 16 -23.70 10.02 24.82
C THR B 16 -22.68 9.96 23.70
N VAL B 17 -23.13 10.27 22.49
CA VAL B 17 -22.30 10.36 21.31
C VAL B 17 -22.37 11.81 20.84
N ILE B 18 -21.23 12.47 20.77
CA ILE B 18 -21.11 13.84 20.27
C ILE B 18 -20.41 13.77 18.92
N GLY B 19 -21.08 14.27 17.86
CA GLY B 19 -20.53 14.25 16.51
C GLY B 19 -21.27 13.21 15.70
N LEU B 20 -22.02 13.63 14.68
CA LEU B 20 -22.85 12.70 13.93
C LEU B 20 -22.42 12.67 12.46
N GLY B 21 -21.13 12.80 12.20
CA GLY B 21 -20.59 12.35 10.95
C GLY B 21 -20.77 10.85 10.78
N PRO B 22 -20.24 10.30 9.69
CA PRO B 22 -20.47 8.86 9.42
C PRO B 22 -20.05 7.96 10.57
N MET B 23 -18.93 8.28 11.22
CA MET B 23 -18.44 7.42 12.29
C MET B 23 -19.33 7.54 13.51
N GLY B 24 -19.67 8.77 13.88
CA GLY B 24 -20.50 8.92 15.06
C GLY B 24 -21.86 8.26 14.91
N ARG B 25 -22.52 8.45 13.76
CA ARG B 25 -23.79 7.77 13.52
C ARG B 25 -23.63 6.26 13.62
N ALA B 26 -22.55 5.73 13.08
CA ALA B 26 -22.33 4.30 13.19
C ALA B 26 -22.19 3.89 14.65
N MET B 27 -21.35 4.63 15.38
CA MET B 27 -21.15 4.35 16.80
C MET B 27 -22.43 4.47 17.61
N ALA B 28 -23.20 5.54 17.39
CA ALA B 28 -24.48 5.66 18.09
C ALA B 28 -25.39 4.50 17.72
N GLY B 29 -25.43 4.11 16.46
CA GLY B 29 -26.25 2.96 16.11
C GLY B 29 -25.79 1.71 16.82
N ALA B 30 -24.46 1.54 16.94
CA ALA B 30 -23.95 0.37 17.64
C ALA B 30 -24.36 0.37 19.10
N PHE B 31 -24.20 1.52 19.80
CA PHE B 31 -24.64 1.61 21.19
C PHE B 31 -26.13 1.31 21.33
N LEU B 32 -26.95 1.82 20.40
CA LEU B 32 -28.37 1.50 20.46
C LEU B 32 -28.55 0.01 20.27
N ALA B 33 -27.85 -0.58 19.32
CA ALA B 33 -28.08 -2.01 19.02
C ALA B 33 -27.69 -2.87 20.24
N ALA B 34 -26.72 -2.41 21.03
CA ALA B 34 -26.25 -3.16 22.21
C ALA B 34 -27.17 -2.91 23.41
N GLY B 35 -28.17 -2.04 23.27
CA GLY B 35 -29.15 -1.84 24.34
C GLY B 35 -28.91 -0.61 25.20
N HIS B 36 -27.96 0.21 24.79
CA HIS B 36 -27.65 1.38 25.64
C HIS B 36 -28.55 2.56 25.32
N PRO B 37 -29.18 3.19 26.34
CA PRO B 37 -29.87 4.47 26.13
C PRO B 37 -28.88 5.51 25.64
N THR B 38 -29.10 6.00 24.44
CA THR B 38 -28.10 6.79 23.72
C THR B 38 -28.62 8.20 23.47
N THR B 39 -27.86 9.19 23.92
CA THR B 39 -28.14 10.60 23.62
C THR B 39 -27.13 11.07 22.57
N VAL B 40 -27.63 11.79 21.56
CA VAL B 40 -26.77 12.26 20.48
C VAL B 40 -26.87 13.78 20.39
N TRP B 41 -25.76 14.39 20.02
CA TRP B 41 -25.75 15.80 19.73
C TRP B 41 -24.82 16.03 18.54
N ASN B 42 -25.23 16.88 17.61
CA ASN B 42 -24.34 17.25 16.52
C ASN B 42 -24.44 18.75 16.31
N ARG B 43 -23.34 19.38 15.89
CA ARG B 43 -23.41 20.80 15.56
C ARG B 43 -24.49 21.06 14.51
N THR B 44 -24.42 20.34 13.40
CA THR B 44 -25.40 20.51 12.31
C THR B 44 -26.64 19.65 12.60
N PRO B 45 -27.84 20.24 12.62
CA PRO B 45 -29.07 19.45 12.82
C PRO B 45 -29.45 18.70 11.55
N GLY B 46 -30.28 17.68 11.73
CA GLY B 46 -30.79 16.92 10.61
C GLY B 46 -30.14 15.58 10.34
N LYS B 47 -29.12 15.18 11.09
CA LYS B 47 -28.38 13.97 10.81
C LYS B 47 -28.73 12.84 11.78
N ALA B 48 -29.76 13.05 12.62
CA ALA B 48 -30.10 12.14 13.71
C ALA B 48 -31.40 11.37 13.46
N ASP B 49 -32.03 11.54 12.28
CA ASP B 49 -33.39 11.05 12.09
C ASP B 49 -33.45 9.54 12.23
N ALA B 50 -32.56 8.81 11.53
CA ALA B 50 -32.51 7.36 11.65
C ALA B 50 -32.18 6.91 13.07
N LEU B 51 -31.32 7.64 13.79
CA LEU B 51 -31.00 7.26 15.17
C LEU B 51 -32.19 7.49 16.10
N VAL B 52 -32.90 8.60 15.91
CA VAL B 52 -34.06 8.87 16.76
C VAL B 52 -35.17 7.87 16.49
N ALA B 53 -35.36 7.47 15.24
CA ALA B 53 -36.32 6.41 14.99
C ALA B 53 -35.94 5.10 15.70
N ARG B 54 -34.65 4.82 15.82
CA ARG B 54 -34.22 3.61 16.52
C ARG B 54 -34.14 3.81 18.01
N GLY B 55 -34.63 4.92 18.53
CA GLY B 55 -34.68 5.09 19.97
C GLY B 55 -33.72 6.09 20.60
N ALA B 56 -32.89 6.77 19.83
CA ALA B 56 -31.97 7.70 20.46
C ALA B 56 -32.67 8.98 20.91
N VAL B 57 -32.06 9.65 21.88
CA VAL B 57 -32.51 10.95 22.32
C VAL B 57 -31.59 12.01 21.70
N ARG B 58 -32.19 12.94 20.95
CA ARG B 58 -31.46 14.11 20.46
C ARG B 58 -31.39 15.14 21.59
N ALA B 59 -30.19 15.53 21.97
CA ALA B 59 -30.03 16.50 23.04
C ALA B 59 -30.24 17.92 22.54
N ALA B 60 -30.91 18.74 23.34
CA ALA B 60 -31.10 20.14 22.98
C ALA B 60 -29.76 20.84 22.86
N THR B 61 -28.89 20.66 23.86
CA THR B 61 -27.62 21.34 23.93
C THR B 61 -26.53 20.33 24.22
N VAL B 62 -25.29 20.81 24.12
CA VAL B 62 -24.13 20.00 24.50
C VAL B 62 -24.18 19.69 25.99
N ALA B 63 -24.37 20.73 26.81
CA ALA B 63 -24.49 20.56 28.25
C ALA B 63 -25.52 19.50 28.62
N GLU B 64 -26.66 19.50 27.93
CA GLU B 64 -27.66 18.46 28.21
C GLU B 64 -27.16 17.08 27.80
N ALA B 65 -26.46 17.00 26.67
CA ALA B 65 -26.00 15.71 26.17
C ALA B 65 -24.90 15.15 27.07
N VAL B 66 -23.94 15.97 27.47
CA VAL B 66 -22.92 15.50 28.40
C VAL B 66 -23.55 15.02 29.70
N ALA B 67 -24.56 15.74 30.20
CA ALA B 67 -25.14 15.36 31.49
C ALA B 67 -25.91 14.04 31.44
N ALA B 68 -26.38 13.64 30.27
CA ALA B 68 -27.26 12.48 30.15
C ALA B 68 -26.56 11.15 30.48
N SER B 69 -25.24 11.10 30.56
CA SER B 69 -24.57 9.78 30.42
C SER B 69 -23.23 9.77 31.14
N PRO B 70 -22.90 8.72 31.89
CA PRO B 70 -21.58 8.67 32.51
C PRO B 70 -20.46 8.55 31.51
N LEU B 71 -20.76 8.11 30.28
CA LEU B 71 -19.77 7.83 29.25
C LEU B 71 -20.05 8.70 28.03
N VAL B 72 -19.09 9.54 27.64
CA VAL B 72 -19.30 10.49 26.55
C VAL B 72 -18.28 10.18 25.46
N VAL B 73 -18.78 9.72 24.31
CA VAL B 73 -17.96 9.38 23.15
C VAL B 73 -17.99 10.58 22.21
N VAL B 74 -16.82 11.03 21.76
CA VAL B 74 -16.70 12.19 20.87
C VAL B 74 -15.98 11.73 19.60
N SER B 75 -16.65 11.81 18.45
CA SER B 75 -16.03 11.56 17.16
C SER B 75 -16.32 12.80 16.32
N VAL B 76 -15.37 13.73 16.31
CA VAL B 76 -15.48 14.88 15.42
C VAL B 76 -14.19 15.02 14.64
N THR B 77 -14.05 16.10 13.86
CA THR B 77 -12.90 16.30 12.97
C THR B 77 -11.57 16.18 13.72
N ASP B 78 -11.38 16.96 14.78
CA ASP B 78 -10.10 17.01 15.47
C ASP B 78 -10.29 17.57 16.86
N TYR B 79 -9.18 17.72 17.57
CA TYR B 79 -9.22 18.24 18.93
C TYR B 79 -9.82 19.64 18.95
N ASP B 80 -9.46 20.47 17.99
CA ASP B 80 -9.93 21.85 17.99
C ASP B 80 -11.46 21.90 17.93
N ALA B 81 -12.06 21.07 17.08
CA ALA B 81 -13.51 20.96 17.05
C ALA B 81 -14.04 20.36 18.35
N MET B 82 -13.44 19.27 18.82
CA MET B 82 -13.82 18.70 20.10
C MET B 82 -13.84 19.75 21.21
N ARG B 83 -12.82 20.60 21.26
CA ARG B 83 -12.78 21.62 22.32
C ARG B 83 -13.86 22.68 22.09
N ALA B 84 -14.14 23.03 20.83
CA ALA B 84 -15.17 24.03 20.55
C ALA B 84 -16.54 23.57 21.07
N ILE B 85 -16.90 22.33 20.78
CA ILE B 85 -18.23 21.86 21.15
C ILE B 85 -18.32 21.67 22.65
N LEU B 86 -17.25 21.21 23.28
CA LEU B 86 -17.34 20.87 24.70
C LEU B 86 -17.20 22.08 25.61
N GLU B 87 -16.86 23.25 25.07
CA GLU B 87 -16.62 24.41 25.93
C GLU B 87 -17.81 24.65 26.85
N PRO B 88 -19.00 24.89 26.31
CA PRO B 88 -20.15 25.17 27.18
C PRO B 88 -20.48 24.05 28.16
N ALA B 89 -19.96 22.85 27.93
CA ALA B 89 -20.23 21.71 28.78
C ALA B 89 -19.07 21.41 29.71
N ALA B 90 -18.07 22.30 29.80
CA ALA B 90 -16.89 22.03 30.62
C ALA B 90 -17.25 21.76 32.10
N ASP B 91 -18.27 22.46 32.63
CA ASP B 91 -18.76 22.16 33.98
C ASP B 91 -19.29 20.73 34.08
N ALA B 92 -20.19 20.37 33.16
CA ALA B 92 -20.87 19.08 33.21
C ALA B 92 -19.93 17.89 33.13
N LEU B 93 -18.67 18.10 32.74
CA LEU B 93 -17.77 16.98 32.46
C LEU B 93 -17.36 16.23 33.71
N ALA B 94 -17.20 16.92 34.85
CA ALA B 94 -16.64 16.31 36.05
C ALA B 94 -17.44 15.07 36.41
N GLY B 95 -16.73 14.01 36.80
CA GLY B 95 -17.36 12.76 37.16
C GLY B 95 -17.59 11.79 36.02
N ARG B 96 -17.39 12.21 34.77
CA ARG B 96 -17.62 11.35 33.61
C ARG B 96 -16.31 10.86 33.01
N VAL B 97 -16.42 9.91 32.09
CA VAL B 97 -15.29 9.50 31.27
C VAL B 97 -15.53 9.98 29.85
N LEU B 98 -14.52 10.60 29.26
CA LEU B 98 -14.57 11.09 27.89
C LEU B 98 -13.76 10.14 27.03
N VAL B 99 -14.41 9.55 26.03
CA VAL B 99 -13.78 8.63 25.09
C VAL B 99 -13.57 9.38 23.79
N ASN B 100 -12.34 9.72 23.50
CA ASN B 100 -12.06 10.58 22.37
C ASN B 100 -11.68 9.68 21.21
N LEU B 101 -12.59 9.53 20.27
CA LEU B 101 -12.28 8.86 19.01
C LEU B 101 -11.97 9.85 17.90
N SER B 102 -11.36 10.98 18.25
CA SER B 102 -11.08 11.99 17.24
C SER B 102 -9.87 12.88 17.59
N SER B 103 -8.82 12.28 18.13
CA SER B 103 -7.56 12.98 18.36
C SER B 103 -6.73 12.90 17.08
N ASP B 104 -6.22 14.04 16.64
CA ASP B 104 -5.51 14.05 15.36
C ASP B 104 -4.06 13.59 15.47
N THR B 105 -3.41 13.87 16.59
CA THR B 105 -2.01 13.53 16.77
C THR B 105 -1.79 13.12 18.22
N PRO B 106 -0.74 12.37 18.49
CA PRO B 106 -0.46 12.00 19.89
C PRO B 106 -0.37 13.21 20.79
N GLU B 107 0.20 14.31 20.30
CA GLU B 107 0.36 15.47 21.16
C GLU B 107 -1.00 16.09 21.50
N ARG B 108 -1.92 16.13 20.53
CA ARG B 108 -3.24 16.69 20.81
C ARG B 108 -4.02 15.77 21.73
N ALA B 109 -3.75 14.46 21.66
CA ALA B 109 -4.40 13.56 22.59
C ALA B 109 -3.93 13.80 24.02
N ARG B 110 -2.64 14.03 24.20
CA ARG B 110 -2.13 14.34 25.53
C ARG B 110 -2.74 15.65 26.05
N GLU B 111 -2.80 16.68 25.19
CA GLU B 111 -3.44 17.94 25.57
C GLU B 111 -4.87 17.71 25.98
N ALA B 112 -5.60 16.92 25.19
CA ALA B 112 -6.97 16.56 25.54
C ALA B 112 -7.02 15.90 26.92
N ALA B 113 -6.17 14.90 27.15
CA ALA B 113 -6.18 14.21 28.43
C ALA B 113 -5.94 15.19 29.57
N ALA B 114 -4.93 16.04 29.41
CA ALA B 114 -4.64 17.03 30.44
C ALA B 114 -5.81 17.99 30.63
N TRP B 115 -6.45 18.43 29.53
CA TRP B 115 -7.65 19.26 29.65
C TRP B 115 -8.82 18.53 30.34
N ALA B 116 -9.04 17.23 30.04
CA ALA B 116 -10.11 16.48 30.72
C ALA B 116 -9.84 16.38 32.21
N ALA B 117 -8.62 15.97 32.57
CA ALA B 117 -8.22 15.88 33.97
C ALA B 117 -8.50 17.17 34.73
N GLU B 118 -8.11 18.31 34.14
CA GLU B 118 -8.34 19.61 34.78
C GLU B 118 -9.81 19.89 35.00
N HIS B 119 -10.73 19.20 34.34
CA HIS B 119 -12.15 19.42 34.53
C HIS B 119 -12.82 18.23 35.17
N GLY B 120 -12.05 17.43 35.89
CA GLY B 120 -12.63 16.39 36.69
C GLY B 120 -13.13 15.20 35.92
N ALA B 121 -12.68 15.00 34.69
CA ALA B 121 -13.18 13.90 33.86
C ALA B 121 -12.05 12.94 33.57
N ASP B 122 -12.40 11.64 33.52
CA ASP B 122 -11.52 10.60 33.01
C ASP B 122 -11.50 10.64 31.50
N TYR B 123 -10.44 10.06 30.93
CA TYR B 123 -10.12 10.24 29.52
C TYR B 123 -9.49 8.99 28.94
N LEU B 124 -10.10 8.52 27.86
CA LEU B 124 -9.60 7.44 27.03
C LEU B 124 -9.51 7.96 25.61
N ASP B 125 -8.37 7.73 24.97
CA ASP B 125 -8.20 8.05 23.56
C ASP B 125 -8.44 6.78 22.77
N GLY B 126 -9.08 6.91 21.63
CA GLY B 126 -9.40 5.75 20.81
C GLY B 126 -9.05 6.00 19.37
N GLY B 127 -8.63 4.95 18.68
CA GLY B 127 -8.33 5.03 17.28
C GLY B 127 -9.11 3.96 16.56
N VAL B 128 -9.89 4.34 15.56
CA VAL B 128 -10.76 3.41 14.85
C VAL B 128 -10.12 3.10 13.52
N MET B 129 -9.92 1.82 13.23
CA MET B 129 -9.17 1.44 12.00
C MET B 129 -10.08 0.85 10.91
N VAL B 130 -11.37 1.15 10.90
CA VAL B 130 -12.28 0.50 9.95
C VAL B 130 -13.23 1.53 9.39
N PRO B 131 -13.83 1.23 8.24
CA PRO B 131 -14.91 2.06 7.72
C PRO B 131 -16.16 1.96 8.60
N PRO B 132 -17.00 2.99 8.58
CA PRO B 132 -18.16 3.05 9.49
C PRO B 132 -19.05 1.82 9.37
N PRO B 133 -19.26 1.27 8.18
CA PRO B 133 -20.09 0.06 8.10
C PRO B 133 -19.57 -1.09 8.94
N MET B 134 -18.28 -1.12 9.22
CA MET B 134 -17.74 -2.19 10.04
C MET B 134 -18.04 -1.97 11.51
N ILE B 135 -18.33 -0.74 11.94
CA ILE B 135 -18.48 -0.50 13.37
C ILE B 135 -19.65 -1.31 13.92
N GLY B 136 -19.52 -1.78 15.16
CA GLY B 136 -20.54 -2.59 15.79
C GLY B 136 -20.50 -4.05 15.41
N THR B 137 -19.54 -4.46 14.60
CA THR B 137 -19.39 -5.84 14.20
C THR B 137 -18.04 -6.32 14.69
N PRO B 138 -17.84 -7.63 14.81
CA PRO B 138 -16.53 -8.13 15.22
C PRO B 138 -15.44 -7.81 14.22
N GLU B 139 -15.76 -7.30 13.03
CA GLU B 139 -14.69 -6.87 12.15
C GLU B 139 -14.06 -5.55 12.59
N ALA B 140 -14.72 -4.82 13.50
CA ALA B 140 -14.20 -3.54 13.95
C ALA B 140 -13.21 -3.79 15.06
N LEU B 141 -12.05 -3.19 14.95
CA LEU B 141 -11.05 -3.27 15.99
C LEU B 141 -10.69 -1.84 16.35
N ILE B 142 -10.99 -1.45 17.57
CA ILE B 142 -10.68 -0.13 18.08
C ILE B 142 -9.62 -0.27 19.16
N PHE B 143 -8.53 0.49 19.04
CA PHE B 143 -7.46 0.45 20.03
C PHE B 143 -7.65 1.64 20.96
N TYR B 144 -7.35 1.42 22.24
CA TYR B 144 -7.48 2.46 23.26
C TYR B 144 -6.17 2.65 24.03
N SER B 145 -5.95 3.87 24.49
CA SER B 145 -4.88 4.13 25.44
C SER B 145 -5.39 5.10 26.50
N GLY B 146 -4.69 5.14 27.63
CA GLY B 146 -5.14 5.85 28.80
C GLY B 146 -5.14 4.96 30.02
N PRO B 147 -5.64 5.45 31.16
CA PRO B 147 -5.55 4.66 32.41
C PRO B 147 -6.24 3.32 32.28
N ARG B 148 -5.52 2.25 32.63
CA ARG B 148 -6.06 0.91 32.51
C ARG B 148 -7.34 0.75 33.34
N GLU B 149 -7.37 1.28 34.56
CA GLU B 149 -8.58 1.18 35.37
C GLU B 149 -9.77 1.76 34.62
N VAL B 150 -9.63 2.96 34.08
CA VAL B 150 -10.71 3.57 33.31
C VAL B 150 -11.09 2.66 32.13
N PHE B 151 -10.11 2.15 31.40
CA PHE B 151 -10.42 1.29 30.26
C PHE B 151 -11.16 0.04 30.72
N GLU B 152 -10.71 -0.54 31.82
CA GLU B 152 -11.35 -1.77 32.30
C GLU B 152 -12.79 -1.49 32.70
N ALA B 153 -13.01 -0.39 33.43
CA ALA B 153 -14.34 -0.13 33.97
C ALA B 153 -15.37 0.10 32.87
N HIS B 154 -14.95 0.40 31.66
CA HIS B 154 -15.88 0.73 30.61
C HIS B 154 -15.77 -0.14 29.40
N ARG B 155 -14.86 -1.11 29.41
CA ARG B 155 -14.71 -2.01 28.26
C ARG B 155 -16.05 -2.63 27.85
N ALA B 156 -16.87 -3.08 28.80
CA ALA B 156 -18.10 -3.74 28.40
C ALA B 156 -18.99 -2.80 27.58
N THR B 157 -18.97 -1.51 27.85
CA THR B 157 -19.73 -0.61 26.99
C THR B 157 -19.05 -0.39 25.65
N LEU B 158 -17.73 -0.20 25.63
CA LEU B 158 -17.05 0.01 24.36
C LEU B 158 -17.17 -1.20 23.46
N ALA B 159 -17.44 -2.38 24.03
CA ALA B 159 -17.58 -3.60 23.24
C ALA B 159 -18.70 -3.50 22.22
N ALA B 160 -19.69 -2.63 22.43
CA ALA B 160 -20.76 -2.45 21.44
C ALA B 160 -20.21 -2.04 20.09
N LEU B 161 -19.07 -1.35 20.05
CA LEU B 161 -18.49 -0.85 18.82
C LEU B 161 -17.71 -1.92 18.05
N GLY B 162 -17.23 -2.94 18.74
CA GLY B 162 -16.49 -4.01 18.09
C GLY B 162 -15.39 -4.51 19.01
N GLY B 163 -14.32 -5.06 18.42
CA GLY B 163 -13.20 -5.47 19.23
C GLY B 163 -12.55 -4.28 19.92
N SER B 164 -11.90 -4.53 21.04
CA SER B 164 -11.18 -3.48 21.73
C SER B 164 -9.81 -4.03 22.11
N THR B 165 -8.79 -3.18 21.94
CA THR B 165 -7.42 -3.53 22.28
C THR B 165 -6.85 -2.39 23.08
N TYR B 166 -6.28 -2.72 24.24
CA TYR B 166 -5.58 -1.76 25.07
C TYR B 166 -4.12 -1.65 24.65
N LEU B 167 -3.65 -0.43 24.48
CA LEU B 167 -2.29 -0.22 23.99
C LEU B 167 -1.31 0.28 25.05
N GLY B 168 -1.80 0.81 26.16
CA GLY B 168 -0.88 1.33 27.15
C GLY B 168 -1.45 2.53 27.87
N GLU B 169 -0.73 3.05 28.87
CA GLU B 169 -1.25 4.16 29.66
C GLU B 169 -1.06 5.52 28.98
N ASP B 170 -0.09 5.68 28.11
CA ASP B 170 0.06 6.97 27.44
C ASP B 170 -1.15 7.27 26.56
N PRO B 171 -1.86 8.38 26.78
CA PRO B 171 -3.05 8.66 25.96
C PRO B 171 -2.72 8.95 24.52
N GLY B 172 -1.48 9.31 24.20
CA GLY B 172 -1.13 9.54 22.81
C GLY B 172 -0.98 8.28 21.98
N LEU B 173 -0.88 7.13 22.63
CA LEU B 173 -0.58 5.90 21.91
C LEU B 173 -1.63 5.61 20.84
N ALA B 174 -2.92 5.65 21.21
CA ALA B 174 -3.95 5.33 20.22
C ALA B 174 -3.84 6.25 19.03
N ALA B 175 -3.60 7.54 19.26
CA ALA B 175 -3.47 8.45 18.13
C ALA B 175 -2.23 8.10 17.31
N LEU B 176 -1.18 7.63 17.96
CA LEU B 176 0.03 7.31 17.20
C LEU B 176 -0.26 6.16 16.27
N TYR B 177 -0.85 5.10 16.81
CA TYR B 177 -1.21 3.98 15.97
C TYR B 177 -2.11 4.45 14.85
N TYR B 178 -3.08 5.31 15.16
CA TYR B 178 -3.98 5.78 14.13
C TYR B 178 -3.23 6.51 13.04
N VAL B 179 -2.38 7.48 13.40
CA VAL B 179 -1.71 8.24 12.34
C VAL B 179 -0.71 7.38 11.59
N ALA B 180 -0.04 6.43 12.25
CA ALA B 180 0.85 5.51 11.51
C ALA B 180 0.06 4.71 10.49
N LEU B 181 -1.11 4.20 10.88
CA LEU B 181 -1.94 3.46 9.93
C LEU B 181 -2.46 4.36 8.82
N LEU B 182 -2.84 5.60 9.16
CA LEU B 182 -3.26 6.58 8.15
C LEU B 182 -2.13 6.89 7.20
N ASP B 183 -0.91 6.91 7.74
CA ASP B 183 0.29 7.15 6.95
C ASP B 183 0.51 6.03 5.95
N LEU B 184 0.40 4.78 6.40
CA LEU B 184 0.49 3.65 5.49
C LEU B 184 -0.63 3.67 4.46
N PHE B 185 -1.84 4.05 4.89
CA PHE B 185 -2.98 4.01 3.99
C PHE B 185 -2.88 5.03 2.86
N TRP B 186 -2.74 6.32 3.19
CA TRP B 186 -2.71 7.34 2.14
C TRP B 186 -1.47 7.23 1.26
N THR B 187 -0.37 6.68 1.79
CA THR B 187 0.82 6.51 0.98
C THR B 187 0.61 5.42 -0.04
N THR B 188 -0.08 4.36 0.37
CA THR B 188 -0.42 3.29 -0.54
C THR B 188 -1.41 3.75 -1.61
N MET B 189 -2.49 4.40 -1.19
CA MET B 189 -3.41 4.97 -2.18
C MET B 189 -2.68 5.80 -3.22
N SER B 190 -1.80 6.70 -2.78
CA SER B 190 -1.10 7.55 -3.74
C SER B 190 -0.27 6.72 -4.70
N GLY B 191 0.47 5.74 -4.18
CA GLY B 191 1.18 4.85 -5.06
C GLY B 191 0.25 4.19 -6.04
N TYR B 192 -0.92 3.77 -5.56
CA TYR B 192 -1.83 3.09 -6.46
C TYR B 192 -2.30 4.03 -7.56
N LEU B 193 -2.54 5.29 -7.23
CA LEU B 193 -3.00 6.23 -8.24
C LEU B 193 -1.87 6.55 -9.22
N HIS B 194 -0.65 6.68 -8.73
CA HIS B 194 0.49 6.90 -9.65
C HIS B 194 0.55 5.73 -10.64
N ALA B 195 0.48 4.51 -10.13
CA ALA B 195 0.48 3.35 -11.01
C ALA B 195 -0.63 3.46 -12.05
N ALA B 196 -1.85 3.68 -11.58
CA ALA B 196 -3.00 3.74 -12.46
C ALA B 196 -2.80 4.81 -13.50
N ALA B 197 -2.23 5.94 -13.11
CA ALA B 197 -1.94 6.99 -14.09
C ALA B 197 -0.86 6.56 -15.07
N LEU B 198 0.08 5.73 -14.60
CA LEU B 198 1.10 5.16 -15.49
C LEU B 198 0.44 4.39 -16.62
N VAL B 199 -0.29 3.31 -16.29
CA VAL B 199 -0.91 2.54 -17.36
C VAL B 199 -1.97 3.36 -18.09
N GLY B 200 -2.73 4.19 -17.38
CA GLY B 200 -3.75 4.96 -18.08
C GLY B 200 -3.19 5.79 -19.22
N SER B 201 -1.94 6.24 -19.11
CA SER B 201 -1.37 7.08 -20.16
C SER B 201 -1.23 6.37 -21.51
N GLU B 202 -1.42 5.06 -21.55
CA GLU B 202 -1.50 4.30 -22.78
C GLU B 202 -2.92 3.81 -23.03
N GLY B 203 -3.91 4.46 -22.45
CA GLY B 203 -5.28 4.08 -22.72
C GLY B 203 -5.74 2.85 -22.00
N VAL B 204 -4.91 2.27 -21.14
CA VAL B 204 -5.31 1.09 -20.37
C VAL B 204 -6.33 1.50 -19.31
N PRO B 205 -7.48 0.84 -19.24
CA PRO B 205 -8.44 1.18 -18.19
C PRO B 205 -7.94 0.79 -16.81
N ALA B 206 -8.20 1.67 -15.83
CA ALA B 206 -7.93 1.30 -14.45
C ALA B 206 -8.61 -0.01 -14.09
N ALA B 207 -9.89 -0.15 -14.45
CA ALA B 207 -10.66 -1.36 -14.24
C ALA B 207 -9.83 -2.59 -14.52
N GLU B 208 -9.09 -2.56 -15.63
CA GLU B 208 -8.29 -3.72 -15.97
C GLU B 208 -7.08 -3.85 -15.06
N PHE B 209 -6.40 -2.74 -14.79
CA PHE B 209 -5.13 -2.82 -14.07
C PHE B 209 -5.31 -3.35 -12.65
N ALA B 210 -6.47 -3.09 -12.02
CA ALA B 210 -6.66 -3.45 -10.61
C ALA B 210 -6.35 -4.90 -10.30
N PRO B 211 -6.80 -5.89 -11.09
CA PRO B 211 -6.42 -7.29 -10.80
C PRO B 211 -4.95 -7.48 -10.47
N PHE B 212 -4.05 -6.88 -11.25
CA PHE B 212 -2.63 -7.08 -11.00
C PHE B 212 -2.21 -6.37 -9.71
N ALA B 213 -2.79 -5.19 -9.44
CA ALA B 213 -2.44 -4.47 -8.22
C ALA B 213 -2.83 -5.26 -6.99
N THR B 214 -4.03 -5.86 -7.03
CA THR B 214 -4.49 -6.65 -5.91
C THR B 214 -3.56 -7.82 -5.64
N ALA B 215 -2.86 -8.32 -6.66
CA ALA B 215 -1.97 -9.45 -6.43
C ALA B 215 -0.71 -9.01 -5.69
N ILE B 216 -0.27 -7.75 -5.87
CA ILE B 216 0.82 -7.20 -5.06
C ILE B 216 0.57 -7.52 -3.60
N PHE B 217 -0.54 -7.05 -3.07
CA PHE B 217 -1.04 -7.54 -1.78
C PHE B 217 -1.45 -9.01 -1.91
N ASP B 218 -1.61 -9.66 -0.77
CA ASP B 218 -1.84 -11.11 -0.78
C ASP B 218 -0.54 -11.85 -1.10
N SER B 219 0.48 -11.12 -1.53
CA SER B 219 1.76 -11.69 -1.91
C SER B 219 2.73 -10.61 -2.39
N SER B 221 1.94 -10.29 3.81
CA SER B 221 2.94 -11.16 3.19
C SER B 221 4.31 -11.05 3.91
N PHE B 222 5.14 -10.16 3.41
CA PHE B 222 6.50 -9.95 3.92
C PHE B 222 6.57 -8.87 4.99
N LEU B 223 5.47 -8.18 5.27
CA LEU B 223 5.49 -7.16 6.32
C LEU B 223 6.05 -7.71 7.63
N GLU B 224 5.56 -8.87 8.05
CA GLU B 224 6.12 -9.50 9.23
C GLU B 224 7.60 -9.83 9.04
N GLU B 225 7.99 -10.14 7.80
CA GLU B 225 9.39 -10.40 7.52
C GLU B 225 10.25 -9.15 7.71
N MET B 226 9.75 -8.00 7.29
CA MET B 226 10.50 -6.77 7.48
C MET B 226 10.48 -6.30 8.93
N ALA B 227 9.40 -6.60 9.67
CA ALA B 227 9.37 -6.24 11.09
C ALA B 227 10.44 -7.00 11.86
N GLU B 228 10.65 -8.26 11.55
CA GLU B 228 11.70 -9.01 12.21
C GLU B 228 13.05 -8.33 12.00
N GLN B 229 13.29 -7.85 10.77
CA GLN B 229 14.54 -7.20 10.44
C GLN B 229 14.67 -5.89 11.17
N ILE B 230 13.59 -5.09 11.17
CA ILE B 230 13.56 -3.84 11.93
C ILE B 230 13.87 -4.10 13.40
N ASP B 231 13.18 -5.06 14.01
CA ASP B 231 13.40 -5.29 15.43
C ASP B 231 14.80 -5.80 15.72
N ALA B 232 15.40 -6.58 14.81
CA ALA B 232 16.80 -6.98 14.99
C ALA B 232 17.78 -5.87 14.67
N GLY B 233 17.42 -4.88 13.85
CA GLY B 233 18.40 -3.91 13.36
C GLY B 233 19.38 -4.49 12.36
N GLU B 234 19.04 -5.63 11.75
CA GLU B 234 19.90 -6.33 10.82
C GLU B 234 19.14 -6.50 9.51
N TYR B 235 19.72 -6.05 8.41
CA TYR B 235 19.01 -5.92 7.15
C TYR B 235 19.75 -6.68 6.05
N PRO B 236 19.69 -8.01 6.06
CA PRO B 236 20.46 -8.80 5.09
C PRO B 236 19.95 -8.58 3.67
N GLY B 237 20.87 -8.25 2.77
CA GLY B 237 20.49 -7.98 1.40
C GLY B 237 20.00 -9.22 0.65
N ASP B 238 20.66 -10.35 0.82
CA ASP B 238 20.26 -11.60 0.14
C ASP B 238 20.29 -11.40 -1.37
N GLU B 239 19.22 -11.66 -2.09
CA GLU B 239 19.25 -11.51 -3.54
C GLU B 239 18.49 -10.26 -4.02
N SER B 240 18.21 -9.29 -3.15
CA SER B 240 17.64 -8.04 -3.66
C SER B 240 18.07 -6.90 -2.73
N THR B 241 19.10 -6.19 -3.13
CA THR B 241 19.63 -5.18 -2.23
C THR B 241 18.98 -3.82 -2.49
N LEU B 242 19.27 -2.88 -1.58
CA LEU B 242 18.79 -1.52 -1.71
C LEU B 242 19.32 -0.85 -2.98
N ALA B 243 20.58 -1.10 -3.33
CA ALA B 243 21.15 -0.55 -4.56
C ALA B 243 20.41 -1.07 -5.79
N MET B 244 20.07 -2.37 -5.84
CA MET B 244 19.26 -2.86 -6.95
C MET B 244 17.84 -2.30 -6.91
N ASN B 245 17.27 -2.15 -5.71
CA ASN B 245 15.92 -1.60 -5.65
C ASN B 245 15.91 -0.15 -6.13
N ALA B 246 16.92 0.64 -5.75
CA ALA B 246 17.02 2.04 -6.19
C ALA B 246 17.10 2.16 -7.71
N ALA B 247 18.01 1.40 -8.34
CA ALA B 247 18.07 1.35 -9.80
C ALA B 247 16.69 1.03 -10.39
N GLY B 248 15.96 0.08 -9.78
CA GLY B 248 14.60 -0.17 -10.24
C GLY B 248 13.73 1.07 -10.17
N ILE B 249 13.79 1.78 -9.04
CA ILE B 249 12.98 2.98 -8.86
C ILE B 249 13.35 4.04 -9.90
N ASP B 250 14.63 4.10 -10.26
CA ASP B 250 15.04 4.99 -11.34
C ASP B 250 14.27 4.71 -12.63
N HIS B 251 14.09 3.43 -12.98
CA HIS B 251 13.28 3.11 -14.16
C HIS B 251 11.86 3.64 -14.02
N ILE B 252 11.27 3.55 -12.83
CA ILE B 252 9.93 4.11 -12.61
C ILE B 252 9.93 5.58 -12.96
N ILE B 253 10.86 6.34 -12.40
CA ILE B 253 10.94 7.78 -12.68
C ILE B 253 11.08 7.99 -14.17
N HIS B 254 12.04 7.29 -14.81
CA HIS B 254 12.27 7.47 -16.24
C HIS B 254 11.01 7.10 -17.02
N ALA B 255 10.39 5.98 -16.65
CA ALA B 255 9.20 5.63 -17.40
C ALA B 255 8.13 6.66 -17.18
N SER B 256 8.12 7.27 -16.00
CA SER B 256 7.05 8.23 -15.73
C SER B 256 7.23 9.49 -16.57
N ARG B 257 8.47 10.00 -16.64
CA ARG B 257 8.74 11.17 -17.45
C ARG B 257 8.42 10.89 -18.90
N ALA B 258 8.70 9.66 -19.38
CA ALA B 258 8.47 9.37 -20.78
C ALA B 258 6.98 9.30 -21.09
N GLN B 259 6.19 8.73 -20.17
CA GLN B 259 4.74 8.74 -20.29
C GLN B 259 4.12 10.11 -19.98
N GLY B 260 4.92 11.12 -19.61
CA GLY B 260 4.33 12.39 -19.23
C GLY B 260 3.52 12.37 -17.94
N ILE B 261 3.77 11.43 -17.06
CA ILE B 261 3.16 11.40 -15.74
C ILE B 261 3.99 12.25 -14.79
N ASP B 262 3.34 12.80 -13.77
CA ASP B 262 4.08 13.51 -12.74
C ASP B 262 5.02 12.55 -12.00
N THR B 263 6.16 13.07 -11.57
CA THR B 263 7.20 12.23 -10.99
C THR B 263 7.49 12.56 -9.53
N ALA B 264 6.70 13.41 -8.87
CA ALA B 264 6.99 13.82 -7.49
C ALA B 264 7.00 12.64 -6.53
N LEU B 265 6.02 11.76 -6.65
CA LEU B 265 5.94 10.67 -5.68
C LEU B 265 7.09 9.69 -5.83
N PRO B 266 7.32 9.07 -6.99
CA PRO B 266 8.51 8.21 -7.13
C PRO B 266 9.82 8.92 -6.88
N GLU B 267 9.94 10.19 -7.28
CA GLU B 267 11.12 10.96 -6.90
C GLU B 267 11.30 10.97 -5.37
N ALA B 268 10.19 11.01 -4.62
CA ALA B 268 10.33 11.03 -3.15
C ALA B 268 10.78 9.67 -2.62
N VAL B 269 10.23 8.59 -3.15
CA VAL B 269 10.71 7.27 -2.78
C VAL B 269 12.19 7.14 -3.10
N LYS B 270 12.60 7.57 -4.30
CA LYS B 270 14.00 7.44 -4.71
C LYS B 270 14.91 8.23 -3.79
N ALA B 271 14.47 9.42 -3.38
CA ALA B 271 15.33 10.23 -2.51
C ALA B 271 15.58 9.54 -1.18
N LEU B 272 14.56 8.87 -0.64
CA LEU B 272 14.70 8.09 0.59
C LEU B 272 15.71 6.97 0.42
N ALA B 273 15.60 6.24 -0.70
CA ALA B 273 16.55 5.18 -1.02
C ALA B 273 17.97 5.73 -1.07
N GLU B 274 18.15 6.84 -1.79
CA GLU B 274 19.48 7.41 -1.92
C GLU B 274 20.05 7.85 -0.57
N ARG B 275 19.21 8.38 0.33
CA ARG B 275 19.73 8.68 1.66
C ARG B 275 20.29 7.44 2.33
N ALA B 276 19.55 6.33 2.26
CA ALA B 276 20.03 5.13 2.95
C ALA B 276 21.28 4.57 2.28
N ILE B 277 21.41 4.78 0.98
CA ILE B 277 22.64 4.37 0.31
C ILE B 277 23.79 5.27 0.74
N ALA B 278 23.55 6.58 0.81
CA ALA B 278 24.58 7.47 1.35
C ALA B 278 24.97 7.09 2.79
N ALA B 279 24.04 6.55 3.57
CA ALA B 279 24.39 6.06 4.90
C ALA B 279 25.05 4.68 4.88
N GLY B 280 25.30 4.10 3.71
CA GLY B 280 26.07 2.87 3.68
C GLY B 280 25.24 1.61 3.66
N HIS B 281 23.97 1.70 3.26
CA HIS B 281 23.11 0.53 3.24
C HIS B 281 22.90 -0.05 1.85
N GLY B 282 23.67 0.35 0.84
CA GLY B 282 23.43 -0.13 -0.53
C GLY B 282 23.39 -1.64 -0.71
N GLU B 283 24.11 -2.40 0.13
CA GLU B 283 24.11 -3.87 0.07
C GLU B 283 23.10 -4.52 1.01
N ASP B 284 22.55 -3.79 1.96
CA ASP B 284 21.48 -4.30 2.80
C ASP B 284 20.15 -4.41 2.02
N SER B 285 19.15 -4.93 2.67
CA SER B 285 17.83 -4.97 2.07
C SER B 285 17.16 -3.59 2.10
N PHE B 286 16.06 -3.44 1.37
CA PHE B 286 15.33 -2.17 1.41
C PHE B 286 14.87 -1.80 2.82
N THR B 287 14.67 -2.78 3.70
CA THR B 287 14.15 -2.48 5.03
C THR B 287 15.08 -1.55 5.76
N SER B 288 16.36 -1.55 5.39
CA SER B 288 17.33 -0.68 6.05
C SER B 288 17.02 0.78 5.85
N VAL B 289 16.17 1.12 4.88
CA VAL B 289 15.79 2.52 4.72
C VAL B 289 15.18 3.09 6.00
N ILE B 290 14.62 2.24 6.86
CA ILE B 290 14.05 2.73 8.12
C ILE B 290 15.10 3.43 8.96
N GLU B 291 16.38 3.08 8.78
CA GLU B 291 17.44 3.71 9.56
C GLU B 291 17.55 5.21 9.28
N VAL B 292 17.20 5.65 8.07
CA VAL B 292 17.21 7.08 7.78
C VAL B 292 15.87 7.74 8.03
N LEU B 293 14.82 6.96 8.30
CA LEU B 293 13.52 7.53 8.65
C LEU B 293 13.49 8.01 10.09
N ARG B 294 14.14 7.25 10.97
CA ARG B 294 14.25 7.68 12.36
C ARG B 294 15.08 8.93 12.51
N LYS B 295 15.76 9.35 11.46
CA LYS B 295 16.62 10.52 11.48
C LYS B 295 16.00 11.64 10.65
N PRO B 296 15.39 12.66 11.27
CA PRO B 296 14.96 13.82 10.48
C PRO B 296 16.11 14.32 9.61
N ALA B 297 15.82 14.50 8.32
CA ALA B 297 16.83 14.90 7.34
C ALA B 297 16.81 16.41 7.13
PA NAP C . 18.52 -10.53 -10.05
O1A NAP C . 17.58 -11.37 -9.26
O2A NAP C . 19.86 -10.22 -9.48
O5B NAP C . 18.70 -11.18 -11.50
C5B NAP C . 19.58 -10.52 -12.44
C4B NAP C . 20.07 -11.53 -13.44
O4B NAP C . 20.69 -10.82 -14.54
C3B NAP C . 21.14 -12.52 -12.93
O3B NAP C . 20.95 -13.81 -13.48
C2B NAP C . 22.43 -11.88 -13.41
O2B NAP C . 23.48 -12.82 -13.62
C1B NAP C . 21.99 -11.32 -14.74
N9A NAP C . 22.83 -10.24 -15.22
C8A NAP C . 22.80 -8.94 -14.82
N7A NAP C . 23.67 -8.19 -15.43
C5A NAP C . 24.30 -9.05 -16.31
C6A NAP C . 25.33 -8.85 -17.26
N6A NAP C . 25.91 -7.69 -17.48
N1A NAP C . 25.73 -9.93 -17.96
C2A NAP C . 25.14 -11.11 -17.74
N3A NAP C . 24.17 -11.40 -16.88
C4A NAP C . 23.79 -10.32 -16.20
O3 NAP C . 17.79 -9.14 -10.39
PN NAP C . 16.86 -8.60 -11.56
O1N NAP C . 16.58 -9.69 -12.55
O2N NAP C . 17.49 -7.34 -12.05
O5D NAP C . 15.52 -8.24 -10.77
C5D NAP C . 15.06 -9.15 -9.74
C4D NAP C . 13.56 -9.16 -9.70
O4D NAP C . 13.03 -8.13 -10.58
C3D NAP C . 12.89 -10.46 -10.16
O3D NAP C . 11.77 -10.78 -9.37
C2D NAP C . 12.51 -10.17 -11.61
O2D NAP C . 11.40 -10.93 -12.09
C1D NAP C . 12.09 -8.70 -11.47
N1N NAP C . 12.11 -7.99 -12.75
C2N NAP C . 11.05 -8.16 -13.62
C3N NAP C . 11.04 -7.50 -14.84
C7N NAP C . 9.87 -7.71 -15.75
O7N NAP C . 9.63 -6.89 -16.64
N7N NAP C . 9.16 -8.81 -15.59
C4N NAP C . 12.10 -6.67 -15.19
C5N NAP C . 13.16 -6.51 -14.31
C6N NAP C . 13.15 -7.17 -13.10
P2B NAP C . 24.52 -13.08 -12.42
O1X NAP C . 24.05 -14.25 -11.63
O2X NAP C . 25.78 -13.37 -13.18
O3X NAP C . 24.65 -11.84 -11.56
H51A NAP C . 20.35 -10.12 -11.96
H52A NAP C . 19.10 -9.79 -12.92
H4B NAP C . 19.30 -12.03 -13.77
H3B NAP C . 21.11 -12.55 -11.93
HO3A NAP C . 21.67 -14.05 -13.84
H2B NAP C . 22.71 -11.16 -12.79
H1B NAP C . 21.97 -12.05 -15.41
H8A NAP C . 22.21 -8.62 -14.16
H61A NAP C . 26.77 -7.58 -17.30
H62A NAP C . 25.44 -7.02 -17.81
H2A NAP C . 25.46 -11.83 -18.25
H51N NAP C . 15.41 -8.86 -8.86
H52N NAP C . 15.39 -10.06 -9.92
H4D NAP C . 13.27 -8.96 -8.79
H3D NAP C . 13.55 -11.21 -10.14
HO3N NAP C . 11.09 -10.86 -9.88
H2D NAP C . 13.29 -10.25 -12.22
HO2N NAP C . 10.69 -10.46 -12.04
H1D NAP C . 11.19 -8.65 -11.08
H2N NAP C . 10.34 -8.72 -13.38
H71N NAP C . 8.52 -8.84 -14.97
H72N NAP C . 9.31 -9.52 -16.11
H4N NAP C . 12.10 -6.22 -16.02
H5N NAP C . 13.88 -5.95 -14.54
H6N NAP C . 13.87 -7.06 -12.51
PA NAP D . -15.75 13.77 9.88
O1A NAP D . -16.03 14.60 8.68
O2A NAP D . -14.37 13.73 10.42
O5B NAP D . -16.78 14.18 11.04
C5B NAP D . -16.66 15.50 11.57
C4B NAP D . -17.62 15.69 12.71
O4B NAP D . -17.14 16.78 13.53
C3B NAP D . -19.06 16.06 12.33
O3B NAP D . -19.99 15.51 13.24
C2B NAP D . -19.03 17.58 12.39
O2B NAP D . -20.31 18.16 12.67
C1B NAP D . -18.12 17.79 13.60
N9A NAP D . -17.47 19.08 13.62
C8A NAP D . -16.40 19.47 12.85
N7A NAP D . -16.00 20.69 13.09
C5A NAP D . -16.86 21.13 14.09
C6A NAP D . -16.94 22.36 14.79
N6A NAP D . -16.14 23.39 14.57
N1A NAP D . -17.91 22.47 15.73
C2A NAP D . -18.72 21.42 15.93
N3A NAP D . -18.72 20.22 15.34
C4A NAP D . -17.76 20.14 14.43
O3 NAP D . -16.22 12.26 9.57
PN NAP D . -16.28 10.93 10.46
O1N NAP D . -17.51 10.94 11.28
O2N NAP D . -16.05 9.75 9.58
O5D NAP D . -15.00 11.13 11.40
C5D NAP D . -15.16 11.51 12.79
C4D NAP D . -13.89 11.18 13.52
O4D NAP D . -13.61 9.77 13.37
C3D NAP D . -12.62 11.90 13.03
O3D NAP D . -11.71 12.14 14.08
C2D NAP D . -12.03 10.89 12.03
O2D NAP D . -10.63 11.00 11.87
C1D NAP D . -12.34 9.59 12.76
N1N NAP D . -12.39 8.40 11.89
C2N NAP D . -13.14 8.42 10.74
C3N NAP D . -13.19 7.29 9.93
C7N NAP D . -13.99 7.29 8.67
O7N NAP D . -14.24 8.34 8.09
N7N NAP D . -14.40 6.12 8.19
C4N NAP D . -12.48 6.15 10.29
C5N NAP D . -11.74 6.15 11.45
C6N NAP D . -11.70 7.27 12.24
P2B NAP D . -21.21 18.59 11.41
O1X NAP D . -22.03 17.40 11.00
O2X NAP D . -20.30 19.07 10.32
O3X NAP D . -22.05 19.70 11.98
H51A NAP D . -16.85 16.17 10.87
H52A NAP D . -15.74 15.65 11.89
H4B NAP D . -17.63 14.87 13.25
H3B NAP D . -19.27 15.76 11.40
HO3A NAP D . -20.53 16.13 13.49
H2B NAP D . -18.63 17.96 11.58
H1B NAP D . -18.65 17.68 14.42
H8A NAP D . -15.99 18.92 12.21
H61A NAP D . -16.29 23.92 13.90
H62A NAP D . -15.46 23.52 15.12
H2A NAP D . -19.38 21.54 16.59
H51N NAP D . -15.92 11.03 13.19
H52N NAP D . -15.34 12.49 12.86
H4D NAP D . -14.01 11.38 14.47
H3D NAP D . -12.85 12.75 12.56
HO3N NAP D . -11.73 11.47 14.60
H2D NAP D . -12.50 10.94 11.15
HO2N NAP D . -10.26 11.03 12.65
H1D NAP D . -11.66 9.43 13.46
H2N NAP D . -13.63 9.19 10.49
H71N NAP D . -14.48 5.99 7.31
H72N NAP D . -14.60 5.45 8.74
H4N NAP D . -12.52 5.38 9.75
H5N NAP D . -11.27 5.39 11.70
H6N NAP D . -11.20 7.28 13.04
#